data_8WIP
#
_entry.id   8WIP
#
_cell.length_a   65.784
_cell.length_b   89.358
_cell.length_c   98.985
_cell.angle_alpha   90.000
_cell.angle_beta   90.000
_cell.angle_gamma   90.000
#
_symmetry.space_group_name_H-M   'P 21 21 21'
#
loop_
_entity.id
_entity.type
_entity.pdbx_description
1 polymer 'Nus factor SuhB'
2 non-polymer 'ACETATE ION'
3 non-polymer IMIDAZOLE
4 water water
#
_entity_poly.entity_id   1
_entity_poly.type   'polypeptide(L)'
_entity_poly.pdbx_seq_one_letter_code
;GSMQPMLNIALRAARSAGELIFRSIERLDVISVNEKDAKDYVTEVDRAAEQTIVAALRKAYPTHAIMGEEGGLIEGSGEG
ADYLWVIDPLDGTTNFIHGVPHFAVSIACKYKGRLEHAVVLDPVRQEEFTASRGRGAALNGRRLRVSGRKSLEGALLGTG
FPFRDNQIDNLDNYLNMFRSLVGQTAGIRRAGAASLDLAYVAAGRYDAFWEFGLSEWDMAAGALLVQEAGGLVSDFTGSH
EFLEKGHIVAGNTKCFKALLTTIQPHLPPSLKR
;
_entity_poly.pdbx_strand_id   A,B
#
# COMPACT_ATOMS: atom_id res chain seq x y z
N GLY A 1 21.68 0.91 18.23
CA GLY A 1 21.99 2.03 19.11
C GLY A 1 21.44 1.91 20.54
N SER A 2 22.01 2.67 21.48
CA SER A 2 21.54 2.69 22.87
C SER A 2 20.43 3.73 22.99
N MET A 3 19.19 3.27 23.00
CA MET A 3 18.01 4.12 23.03
C MET A 3 17.80 4.68 24.43
N GLN A 4 17.32 5.92 24.50
CA GLN A 4 16.91 6.46 25.79
C GLN A 4 15.79 5.62 26.39
N PRO A 5 15.74 5.54 27.73
CA PRO A 5 14.75 4.65 28.36
C PRO A 5 13.32 4.91 27.95
N MET A 6 12.94 6.18 27.78
CA MET A 6 11.58 6.54 27.38
C MET A 6 11.24 6.00 26.01
N LEU A 7 12.19 6.10 25.08
CA LEU A 7 11.96 5.54 23.75
C LEU A 7 11.81 4.04 23.80
N ASN A 8 12.60 3.38 24.64
CA ASN A 8 12.49 1.94 24.78
C ASN A 8 11.13 1.53 25.37
N ILE A 9 10.65 2.28 26.37
CA ILE A 9 9.31 2.02 26.94
C ILE A 9 8.24 2.14 25.85
N ALA A 10 8.29 3.23 25.08
CA ALA A 10 7.31 3.41 24.00
C ALA A 10 7.41 2.27 22.99
N LEU A 11 8.63 1.85 22.67
CA LEU A 11 8.78 0.78 21.69
C LEU A 11 8.21 -0.54 22.21
N ARG A 12 8.46 -0.89 23.47
CA ARG A 12 7.88 -2.13 23.98
C ARG A 12 6.36 -2.05 24.03
N ALA A 13 5.81 -0.89 24.40
CA ALA A 13 4.35 -0.73 24.37
C ALA A 13 3.79 -0.89 22.95
N ALA A 14 4.46 -0.30 21.95
CA ALA A 14 4.01 -0.47 20.57
C ALA A 14 4.06 -1.93 20.15
N ARG A 15 5.10 -2.65 20.56
CA ARG A 15 5.20 -4.07 20.21
C ARG A 15 4.01 -4.84 20.78
N SER A 16 3.68 -4.61 22.05
CA SER A 16 2.55 -5.37 22.60
C SER A 16 1.25 -5.01 21.87
N ALA A 17 1.00 -3.72 21.67
CA ALA A 17 -0.19 -3.31 20.93
C ALA A 17 -0.23 -3.93 19.54
N GLY A 18 0.91 -3.96 18.85
CA GLY A 18 0.92 -4.49 17.51
C GLY A 18 0.66 -5.99 17.47
N GLU A 19 1.18 -6.73 18.45
CA GLU A 19 0.88 -8.16 18.51
C GLU A 19 -0.61 -8.42 18.79
N LEU A 20 -1.23 -7.60 19.65
CA LEU A 20 -2.66 -7.74 19.86
C LEU A 20 -3.43 -7.51 18.57
N ILE A 21 -3.09 -6.41 17.88
CA ILE A 21 -3.75 -6.08 16.61
C ILE A 21 -3.56 -7.21 15.61
N PHE A 22 -2.37 -7.81 15.61
CA PHE A 22 -2.08 -8.85 14.64
C PHE A 22 -2.94 -10.08 14.90
N ARG A 23 -3.07 -10.48 16.16
CA ARG A 23 -3.96 -11.61 16.47
C ARG A 23 -5.39 -11.28 16.05
N SER A 24 -5.80 -10.03 16.29
CA SER A 24 -7.15 -9.62 15.96
C SER A 24 -7.43 -9.76 14.47
N ILE A 25 -6.50 -9.26 13.64
CA ILE A 25 -6.66 -9.32 12.20
C ILE A 25 -6.69 -10.76 11.73
N GLU A 26 -5.89 -11.63 12.36
CA GLU A 26 -5.88 -13.02 11.91
C GLU A 26 -7.25 -13.63 12.07
N ARG A 27 -7.95 -13.35 13.18
CA ARG A 27 -9.32 -13.90 13.23
C ARG A 27 -10.29 -13.18 12.32
N LEU A 28 -10.08 -11.90 12.10
CA LEU A 28 -11.06 -11.24 11.26
C LEU A 28 -10.90 -11.58 9.79
N ASP A 29 -9.75 -12.14 9.38
CA ASP A 29 -9.62 -12.60 8.00
C ASP A 29 -10.37 -13.87 7.74
N VAL A 30 -10.61 -14.67 8.78
CA VAL A 30 -11.28 -15.95 8.60
C VAL A 30 -12.77 -15.87 8.91
N ILE A 31 -13.32 -14.67 9.20
CA ILE A 31 -14.75 -14.55 9.47
C ILE A 31 -15.34 -13.35 8.74
N SER A 32 -16.64 -13.44 8.43
CA SER A 32 -17.40 -12.33 7.87
C SER A 32 -17.60 -11.23 8.92
N VAL A 33 -17.30 -10.02 8.52
CA VAL A 33 -17.37 -8.91 9.42
C VAL A 33 -18.54 -8.14 8.86
N ASN A 34 -19.70 -8.26 9.54
CA ASN A 34 -20.85 -7.46 9.15
C ASN A 34 -20.41 -6.01 9.14
N GLU A 35 -21.02 -5.23 8.26
CA GLU A 35 -20.62 -3.83 8.24
C GLU A 35 -21.32 -3.04 9.32
N LYS A 36 -22.38 -3.59 9.94
CA LYS A 36 -22.85 -2.91 11.14
C LYS A 36 -21.97 -3.23 12.35
N ASP A 37 -21.37 -4.42 12.37
CA ASP A 37 -20.54 -4.82 13.48
C ASP A 37 -19.09 -4.47 13.24
N ALA A 38 -18.77 -4.01 12.03
CA ALA A 38 -17.39 -3.67 11.70
C ALA A 38 -16.89 -2.49 12.47
N LYS A 39 -17.68 -1.43 12.56
CA LYS A 39 -17.18 -0.27 13.29
C LYS A 39 -17.04 -0.57 14.78
N ASP A 40 -17.83 -1.49 15.30
CA ASP A 40 -17.70 -1.85 16.72
C ASP A 40 -16.52 -2.79 16.95
N TYR A 41 -16.23 -3.66 15.99
CA TYR A 41 -15.04 -4.50 16.11
C TYR A 41 -13.80 -3.60 16.08
N VAL A 42 -13.81 -2.59 15.23
CA VAL A 42 -12.71 -1.63 15.18
C VAL A 42 -12.58 -0.89 16.50
N THR A 43 -13.71 -0.43 17.07
CA THR A 43 -13.62 0.28 18.34
C THR A 43 -13.01 -0.62 19.40
N GLU A 44 -13.42 -1.89 19.43
CA GLU A 44 -12.84 -2.85 20.35
C GLU A 44 -11.32 -2.93 20.20
N VAL A 45 -10.84 -3.20 18.97
CA VAL A 45 -9.39 -3.39 18.78
C VAL A 45 -8.64 -2.09 19.13
N ASP A 46 -9.16 -0.92 18.69
CA ASP A 46 -8.53 0.34 19.07
C ASP A 46 -8.36 0.46 20.57
N ARG A 47 -9.44 0.21 21.33
CA ARG A 47 -9.41 0.44 22.76
C ARG A 47 -8.56 -0.60 23.47
N ALA A 48 -8.57 -1.84 23.01
CA ALA A 48 -7.70 -2.83 23.63
C ALA A 48 -6.22 -2.49 23.38
N ALA A 49 -5.90 -2.08 22.15
CA ALA A 49 -4.53 -1.66 21.86
C ALA A 49 -4.18 -0.41 22.65
N GLU A 50 -5.11 0.54 22.75
CA GLU A 50 -4.83 1.75 23.52
C GLU A 50 -4.61 1.42 24.98
N GLN A 51 -5.40 0.49 25.53
CA GLN A 51 -5.22 0.08 26.91
C GLN A 51 -3.83 -0.52 27.09
N THR A 52 -3.42 -1.38 26.16
CA THR A 52 -2.08 -1.96 26.22
C THR A 52 -1.01 -0.88 26.27
N ILE A 53 -1.08 0.09 25.34
CA ILE A 53 -0.07 1.13 25.27
C ILE A 53 -0.05 1.93 26.56
N VAL A 54 -1.23 2.40 26.98
CA VAL A 54 -1.32 3.30 28.13
C VAL A 54 -0.88 2.60 29.40
N ALA A 55 -1.26 1.33 29.57
CA ALA A 55 -0.82 0.57 30.73
C ALA A 55 0.69 0.50 30.77
N ALA A 56 1.33 0.20 29.64
CA ALA A 56 2.78 0.13 29.62
C ALA A 56 3.40 1.49 29.94
N LEU A 57 2.85 2.55 29.35
CA LEU A 57 3.38 3.89 29.57
C LEU A 57 3.23 4.32 31.02
N ARG A 58 2.04 4.11 31.60
CA ARG A 58 1.77 4.56 32.96
C ARG A 58 2.46 3.69 34.02
N LYS A 59 2.82 2.44 33.67
CA LYS A 59 3.66 1.67 34.59
C LYS A 59 5.01 2.35 34.81
N ALA A 60 5.55 2.99 33.75
CA ALA A 60 6.81 3.72 33.82
C ALA A 60 6.65 5.20 34.19
N TYR A 61 5.63 5.88 33.68
CA TYR A 61 5.49 7.32 33.88
C TYR A 61 4.07 7.67 34.30
N PRO A 62 3.70 7.45 35.57
CA PRO A 62 2.29 7.70 35.98
C PRO A 62 1.91 9.17 36.00
N THR A 63 2.86 10.10 36.03
CA THR A 63 2.54 11.51 36.09
C THR A 63 2.52 12.21 34.74
N HIS A 64 2.74 11.48 33.64
CA HIS A 64 2.72 12.09 32.31
C HIS A 64 1.28 12.28 31.83
N ALA A 65 1.12 13.24 30.92
CA ALA A 65 -0.15 13.43 30.21
C ALA A 65 -0.26 12.47 29.02
N ILE A 66 -1.49 12.08 28.72
CA ILE A 66 -1.77 11.13 27.65
C ILE A 66 -2.89 11.70 26.79
N MET A 67 -2.72 11.60 25.47
CA MET A 67 -3.73 12.00 24.50
C MET A 67 -3.82 10.85 23.53
N GLY A 68 -4.83 10.01 23.76
CA GLY A 68 -5.12 8.88 22.90
C GLY A 68 -6.25 9.13 21.93
N GLU A 69 -6.19 8.42 20.79
CA GLU A 69 -7.27 8.51 19.83
C GLU A 69 -8.58 8.08 20.47
N GLU A 70 -8.59 6.96 21.21
CA GLU A 70 -9.81 6.50 21.86
C GLU A 70 -10.20 7.32 23.10
N GLY A 71 -9.24 7.62 23.98
CA GLY A 71 -9.51 8.18 25.30
C GLY A 71 -9.48 9.69 25.45
N GLY A 72 -9.06 10.43 24.42
CA GLY A 72 -8.98 11.86 24.61
C GLY A 72 -7.72 12.26 25.35
N LEU A 73 -7.77 13.44 25.97
CA LEU A 73 -6.63 14.05 26.64
C LEU A 73 -6.81 14.02 28.16
N ILE A 74 -5.81 13.49 28.86
CA ILE A 74 -5.75 13.39 30.31
C ILE A 74 -4.46 14.05 30.76
N GLU A 75 -4.58 15.06 31.62
CA GLU A 75 -3.40 15.82 31.98
C GLU A 75 -2.48 15.03 32.91
N GLY A 76 -1.24 15.47 32.98
CA GLY A 76 -0.31 14.91 33.92
C GLY A 76 -0.30 15.76 35.17
N SER A 77 0.73 15.58 35.97
CA SER A 77 0.82 16.26 37.26
C SER A 77 2.30 16.44 37.56
N GLY A 78 2.62 17.49 38.33
CA GLY A 78 4.01 17.81 38.64
C GLY A 78 4.83 17.98 37.38
N GLU A 79 6.12 17.61 37.47
CA GLU A 79 6.98 17.62 36.29
C GLU A 79 6.40 16.80 35.16
N GLY A 80 5.83 15.64 35.47
CA GLY A 80 5.25 14.83 34.42
C GLY A 80 4.26 15.57 33.55
N ALA A 81 3.71 16.69 34.05
CA ALA A 81 2.78 17.46 33.23
C ALA A 81 3.40 17.97 31.94
N ASP A 82 4.75 18.06 31.87
CA ASP A 82 5.45 18.53 30.68
C ASP A 82 5.58 17.45 29.62
N TYR A 83 5.22 16.21 29.92
CA TYR A 83 5.28 15.13 28.95
C TYR A 83 3.88 14.82 28.47
N LEU A 84 3.70 14.74 27.16
CA LEU A 84 2.42 14.39 26.57
C LEU A 84 2.65 13.28 25.56
N TRP A 85 2.06 12.11 25.81
CA TRP A 85 2.07 11.01 24.86
C TRP A 85 0.90 11.16 23.90
N VAL A 86 1.15 11.02 22.60
CA VAL A 86 0.16 11.17 21.54
C VAL A 86 0.08 9.84 20.83
N ILE A 87 -1.03 9.14 20.98
CA ILE A 87 -1.12 7.73 20.63
C ILE A 87 -2.23 7.54 19.60
N ASP A 88 -1.90 6.96 18.44
CA ASP A 88 -2.91 6.26 17.66
C ASP A 88 -2.64 4.78 17.76
N PRO A 89 -3.48 4.02 18.48
CA PRO A 89 -3.20 2.59 18.64
C PRO A 89 -3.34 1.84 17.34
N LEU A 90 -4.06 2.38 16.35
CA LEU A 90 -4.21 1.71 15.07
C LEU A 90 -4.47 2.76 13.98
N ASP A 91 -3.39 3.10 13.27
CA ASP A 91 -3.42 4.02 12.12
C ASP A 91 -3.63 3.20 10.86
N GLY A 92 -4.70 3.50 10.13
CA GLY A 92 -5.06 2.68 9.00
C GLY A 92 -6.28 1.82 9.28
N THR A 93 -7.34 2.41 9.84
CA THR A 93 -8.46 1.59 10.28
C THR A 93 -9.29 1.03 9.12
N THR A 94 -9.41 1.75 8.02
CA THR A 94 -10.17 1.20 6.90
C THR A 94 -9.47 -0.02 6.32
N ASN A 95 -8.14 0.08 6.09
CA ASN A 95 -7.33 -1.07 5.73
C ASN A 95 -7.54 -2.22 6.70
N PHE A 96 -7.40 -1.95 8.01
CA PHE A 96 -7.51 -3.04 8.98
C PHE A 96 -8.86 -3.76 8.84
N ILE A 97 -9.96 -3.00 8.86
CA ILE A 97 -11.28 -3.64 8.86
C ILE A 97 -11.56 -4.38 7.55
N HIS A 98 -10.90 -4.00 6.46
CA HIS A 98 -11.04 -4.77 5.22
C HIS A 98 -10.03 -5.90 5.12
N GLY A 99 -9.10 -6.02 6.07
CA GLY A 99 -8.06 -7.02 6.00
C GLY A 99 -6.84 -6.68 5.19
N VAL A 100 -6.71 -5.45 4.73
CA VAL A 100 -5.53 -4.96 4.00
C VAL A 100 -4.35 -4.87 4.98
N PRO A 101 -3.26 -5.60 4.78
CA PRO A 101 -2.16 -5.64 5.78
C PRO A 101 -1.22 -4.45 5.70
N HIS A 102 -1.76 -3.26 5.94
CA HIS A 102 -0.94 -2.06 5.94
C HIS A 102 -1.52 -1.10 6.97
N PHE A 103 -0.94 -1.09 8.17
CA PHE A 103 -1.43 -0.25 9.26
C PHE A 103 -0.32 -0.27 10.30
N ALA A 104 -0.44 0.57 11.33
CA ALA A 104 0.67 0.74 12.26
C ALA A 104 0.18 1.28 13.59
N VAL A 105 1.00 1.05 14.64
CA VAL A 105 0.87 1.72 15.92
C VAL A 105 1.72 2.98 15.86
N SER A 106 1.19 4.09 16.36
CA SER A 106 1.92 5.34 16.31
C SER A 106 1.93 5.95 17.71
N ILE A 107 3.13 6.16 18.26
CA ILE A 107 3.32 6.71 19.60
C ILE A 107 4.33 7.82 19.51
N ALA A 108 3.95 9.02 19.95
CA ALA A 108 4.90 10.10 20.06
C ALA A 108 4.89 10.62 21.50
N CYS A 109 6.01 11.21 21.89
CA CYS A 109 6.14 11.89 23.17
C CYS A 109 6.60 13.31 22.88
N LYS A 110 5.86 14.28 23.41
CA LYS A 110 6.21 15.68 23.29
C LYS A 110 6.65 16.13 24.67
N TYR A 111 7.76 16.86 24.73
CA TYR A 111 8.27 17.46 25.94
C TYR A 111 8.19 18.97 25.81
N LYS A 112 7.39 19.58 26.67
CA LYS A 112 7.11 21.02 26.63
C LYS A 112 6.70 21.47 25.23
N GLY A 113 5.88 20.64 24.58
CA GLY A 113 5.25 20.91 23.32
C GLY A 113 6.10 20.61 22.10
N ARG A 114 7.34 20.17 22.31
CA ARG A 114 8.21 19.80 21.19
C ARG A 114 8.38 18.28 21.13
N LEU A 115 8.36 17.75 19.92
CA LEU A 115 8.48 16.33 19.70
C LEU A 115 9.80 15.78 20.21
N GLU A 116 9.73 14.79 21.08
CA GLU A 116 10.92 14.25 21.72
C GLU A 116 11.18 12.78 21.38
N HIS A 117 10.15 11.94 21.36
CA HIS A 117 10.35 10.54 20.98
C HIS A 117 9.25 10.09 20.04
N ALA A 118 9.55 9.09 19.21
CA ALA A 118 8.58 8.63 18.22
C ALA A 118 8.81 7.16 17.89
N VAL A 119 7.68 6.44 17.78
CA VAL A 119 7.61 5.06 17.33
C VAL A 119 6.46 4.92 16.34
N VAL A 120 6.73 4.32 15.18
CA VAL A 120 5.73 3.86 14.24
C VAL A 120 6.04 2.41 13.95
N LEU A 121 5.11 1.51 14.29
CA LEU A 121 5.35 0.07 14.20
C LEU A 121 4.34 -0.59 13.27
N ASP A 122 4.84 -1.22 12.20
CA ASP A 122 4.08 -2.08 11.29
C ASP A 122 4.16 -3.51 11.81
N PRO A 123 3.09 -4.03 12.43
CA PRO A 123 3.16 -5.37 13.05
C PRO A 123 3.05 -6.52 12.07
N VAL A 124 2.61 -6.25 10.84
CA VAL A 124 2.57 -7.28 9.83
C VAL A 124 3.96 -7.51 9.26
N ARG A 125 4.56 -6.44 8.75
CA ARG A 125 5.91 -6.47 8.21
C ARG A 125 7.00 -6.44 9.29
N GLN A 126 6.61 -6.31 10.56
CA GLN A 126 7.55 -6.27 11.68
C GLN A 126 8.57 -5.15 11.44
N GLU A 127 8.08 -3.97 11.11
CA GLU A 127 8.97 -2.84 10.86
C GLU A 127 8.77 -1.82 11.98
N GLU A 128 9.83 -1.57 12.75
CA GLU A 128 9.81 -0.67 13.90
C GLU A 128 10.62 0.58 13.54
N PHE A 129 9.92 1.67 13.24
CA PHE A 129 10.55 2.98 13.04
C PHE A 129 10.59 3.70 14.37
N THR A 130 11.80 4.09 14.81
CA THR A 130 12.03 4.77 16.08
C THR A 130 12.88 6.02 15.86
N ALA A 131 12.69 7.01 16.75
CA ALA A 131 13.54 8.20 16.77
C ALA A 131 13.42 8.92 18.10
N SER A 132 14.49 9.63 18.47
CA SER A 132 14.48 10.57 19.56
C SER A 132 15.10 11.87 19.07
N ARG A 133 14.64 12.98 19.62
CA ARG A 133 15.16 14.27 19.21
C ARG A 133 16.67 14.31 19.40
N GLY A 134 17.40 14.66 18.33
CA GLY A 134 18.86 14.69 18.35
C GLY A 134 19.57 13.35 18.31
N ARG A 135 18.86 12.26 18.07
CA ARG A 135 19.44 10.92 18.05
C ARG A 135 19.34 10.24 16.70
N GLY A 136 18.68 10.85 15.72
CA GLY A 136 18.45 10.19 14.46
C GLY A 136 17.28 9.22 14.54
N ALA A 137 16.96 8.67 13.38
CA ALA A 137 15.88 7.70 13.25
C ALA A 137 16.44 6.39 12.74
N ALA A 138 15.68 5.32 13.00
CA ALA A 138 16.12 3.97 12.68
C ALA A 138 14.91 3.10 12.31
N LEU A 139 15.15 2.12 11.42
CA LEU A 139 14.20 1.06 11.11
C LEU A 139 14.83 -0.25 11.58
N ASN A 140 14.24 -0.87 12.60
CA ASN A 140 14.81 -2.08 13.22
C ASN A 140 16.29 -1.91 13.58
N GLY A 141 16.65 -0.75 14.14
CA GLY A 141 17.98 -0.52 14.66
C GLY A 141 18.95 0.14 13.70
N ARG A 142 18.61 0.21 12.42
CA ARG A 142 19.46 0.77 11.38
C ARG A 142 19.14 2.24 11.10
N ARG A 143 20.18 3.08 11.07
CA ARG A 143 20.04 4.49 10.78
C ARG A 143 19.37 4.79 9.44
N LEU A 144 18.51 5.80 9.47
CA LEU A 144 17.66 6.17 8.35
C LEU A 144 18.11 7.52 7.82
N ARG A 145 18.02 7.66 6.51
CA ARG A 145 18.26 8.91 5.84
C ARG A 145 17.18 9.12 4.79
N VAL A 146 16.72 10.36 4.67
CA VAL A 146 15.83 10.67 3.56
C VAL A 146 16.58 10.47 2.25
N SER A 147 15.83 10.28 1.18
CA SER A 147 16.45 10.06 -0.11
C SER A 147 17.19 11.32 -0.54
N GLY A 148 18.04 11.17 -1.53
CA GLY A 148 18.84 12.24 -2.07
C GLY A 148 18.27 12.90 -3.29
N ARG A 149 17.09 12.47 -3.74
CA ARG A 149 16.54 13.00 -4.99
C ARG A 149 16.44 14.52 -4.97
N LYS A 150 16.91 15.14 -6.07
CA LYS A 150 17.10 16.58 -6.19
C LYS A 150 15.89 17.34 -6.71
N SER A 151 14.89 16.63 -7.24
CA SER A 151 13.72 17.30 -7.78
C SER A 151 12.59 16.28 -7.86
N LEU A 152 11.43 16.74 -8.35
CA LEU A 152 10.28 15.86 -8.51
C LEU A 152 10.40 14.90 -9.67
N GLU A 153 11.42 15.04 -10.53
CA GLU A 153 11.61 14.09 -11.61
C GLU A 153 11.80 12.65 -11.14
N GLY A 154 10.87 11.79 -11.54
CA GLY A 154 10.96 10.41 -11.14
C GLY A 154 10.67 10.15 -9.69
N ALA A 155 10.19 11.15 -8.97
CA ALA A 155 9.93 11.00 -7.54
C ALA A 155 8.73 10.08 -7.29
N LEU A 156 8.77 9.40 -6.15
CA LEU A 156 7.64 8.64 -5.61
C LEU A 156 7.09 9.39 -4.41
N LEU A 157 5.87 9.91 -4.54
CA LEU A 157 5.18 10.67 -3.50
C LEU A 157 4.13 9.82 -2.79
N GLY A 158 3.91 10.08 -1.50
CA GLY A 158 2.75 9.54 -0.79
C GLY A 158 1.66 10.60 -0.60
N THR A 159 0.41 10.15 -0.46
CA THR A 159 -0.71 11.06 -0.21
C THR A 159 -1.89 10.26 0.33
N GLY A 160 -2.90 10.98 0.86
CA GLY A 160 -4.16 10.33 1.16
C GLY A 160 -5.37 11.24 1.33
N PHE A 161 -6.49 10.91 0.71
CA PHE A 161 -7.65 11.79 0.84
C PHE A 161 -8.45 11.52 2.13
N PRO A 162 -9.01 12.53 2.80
CA PRO A 162 -9.90 12.26 3.95
C PRO A 162 -11.27 11.92 3.36
N PHE A 163 -11.80 10.76 3.69
CA PHE A 163 -12.96 10.22 2.98
C PHE A 163 -14.30 10.64 3.57
N ARG A 164 -14.32 11.26 4.74
CA ARG A 164 -15.57 11.61 5.37
C ARG A 164 -16.22 12.77 4.60
N ASP A 165 -17.54 12.89 4.77
CA ASP A 165 -18.35 13.94 4.17
C ASP A 165 -17.86 15.38 4.41
N ASN A 166 -17.44 15.74 5.63
CA ASN A 166 -17.08 17.18 5.77
C ASN A 166 -15.82 17.61 4.99
N GLN A 167 -15.16 16.73 4.22
CA GLN A 167 -14.06 17.17 3.34
C GLN A 167 -14.41 17.17 1.84
N ILE A 168 -15.67 16.86 1.49
CA ILE A 168 -16.10 16.64 0.10
C ILE A 168 -15.87 17.92 -0.74
N ASP A 169 -16.14 19.09 -0.14
CA ASP A 169 -16.00 20.44 -0.69
C ASP A 169 -14.54 20.81 -0.99
N ASN A 170 -13.58 19.97 -0.60
CA ASN A 170 -12.16 20.17 -0.87
C ASN A 170 -11.65 19.27 -2.00
N LEU A 171 -12.50 18.36 -2.50
CA LEU A 171 -12.07 17.37 -3.50
C LEU A 171 -11.39 18.02 -4.70
N ASP A 172 -12.04 19.00 -5.32
CA ASP A 172 -11.40 19.63 -6.48
C ASP A 172 -10.04 20.19 -6.10
N ASN A 173 -9.95 20.88 -4.96
CA ASN A 173 -8.64 21.36 -4.52
C ASN A 173 -7.64 20.20 -4.50
N TYR A 174 -8.00 19.10 -3.85
CA TYR A 174 -7.09 17.96 -3.81
C TYR A 174 -6.78 17.46 -5.20
N LEU A 175 -7.82 17.29 -6.01
CA LEU A 175 -7.63 16.76 -7.34
C LEU A 175 -6.82 17.72 -8.18
N ASN A 176 -6.84 19.00 -7.85
CA ASN A 176 -5.96 19.93 -8.55
C ASN A 176 -4.51 19.68 -8.19
N MET A 177 -4.20 19.57 -6.89
CA MET A 177 -2.86 19.20 -6.45
C MET A 177 -2.38 17.97 -7.19
N PHE A 178 -3.10 16.88 -7.02
CA PHE A 178 -2.79 15.64 -7.73
C PHE A 178 -2.52 15.94 -9.20
N ARG A 179 -3.39 16.77 -9.85
CA ARG A 179 -3.29 16.95 -11.29
C ARG A 179 -1.89 17.44 -11.62
N SER A 180 -1.48 18.50 -10.89
CA SER A 180 -0.22 19.17 -11.17
C SER A 180 1.01 18.33 -10.87
N LEU A 181 0.87 17.22 -10.15
CA LEU A 181 2.03 16.40 -9.84
C LEU A 181 2.20 15.22 -10.78
N VAL A 182 1.21 14.93 -11.62
CA VAL A 182 1.30 13.67 -12.35
C VAL A 182 2.40 13.73 -13.41
N GLY A 183 2.61 14.91 -14.01
CA GLY A 183 3.59 15.02 -15.09
C GLY A 183 5.00 14.71 -14.64
N GLN A 184 5.44 15.34 -13.55
CA GLN A 184 6.83 15.23 -13.15
C GLN A 184 7.15 13.90 -12.45
N THR A 185 6.27 13.42 -11.60
CA THR A 185 6.57 12.30 -10.71
C THR A 185 6.57 10.95 -11.45
N ALA A 186 7.29 9.98 -10.85
CA ALA A 186 7.22 8.60 -11.30
C ALA A 186 6.02 7.88 -10.74
N GLY A 187 5.46 8.37 -9.63
CA GLY A 187 4.27 7.77 -9.08
C GLY A 187 3.80 8.50 -7.84
N ILE A 188 2.51 8.33 -7.58
CA ILE A 188 1.86 8.79 -6.37
C ILE A 188 1.13 7.61 -5.78
N ARG A 189 1.23 7.45 -4.48
CA ARG A 189 0.68 6.32 -3.75
C ARG A 189 -0.25 6.79 -2.67
N ARG A 190 -1.38 6.07 -2.54
CA ARG A 190 -2.38 6.24 -1.49
C ARG A 190 -2.54 4.88 -0.83
N ALA A 191 -1.73 4.61 0.18
CA ALA A 191 -1.75 3.31 0.82
C ALA A 191 -2.64 3.24 2.06
N GLY A 192 -2.97 4.37 2.67
CA GLY A 192 -4.00 4.46 3.70
C GLY A 192 -3.52 4.51 5.14
N ALA A 193 -2.27 4.86 5.39
CA ALA A 193 -1.83 5.10 6.77
C ALA A 193 -0.74 6.17 6.77
N ALA A 194 -1.11 7.34 7.28
CA ALA A 194 -0.23 8.49 7.21
C ALA A 194 1.02 8.29 8.03
N SER A 195 0.93 7.60 9.18
CA SER A 195 2.15 7.39 9.96
C SER A 195 3.18 6.57 9.19
N LEU A 196 2.73 5.57 8.42
CA LEU A 196 3.68 4.81 7.61
C LEU A 196 4.14 5.59 6.40
N ASP A 197 3.32 6.49 5.85
CA ASP A 197 3.79 7.36 4.76
C ASP A 197 4.93 8.26 5.26
N LEU A 198 4.77 8.83 6.45
CA LEU A 198 5.83 9.64 7.02
C LEU A 198 7.04 8.77 7.33
N ALA A 199 6.83 7.59 7.91
CA ALA A 199 7.93 6.67 8.17
C ALA A 199 8.68 6.34 6.88
N TYR A 200 7.95 6.22 5.77
CA TYR A 200 8.59 5.90 4.50
C TYR A 200 9.36 7.08 3.97
N VAL A 201 8.87 8.29 4.20
CA VAL A 201 9.70 9.48 3.91
C VAL A 201 11.00 9.41 4.69
N ALA A 202 10.91 9.10 5.99
CA ALA A 202 12.11 9.06 6.83
C ALA A 202 13.09 8.01 6.35
N ALA A 203 12.60 6.85 5.91
CA ALA A 203 13.48 5.79 5.47
C ALA A 203 13.98 5.95 4.03
N GLY A 204 13.53 6.98 3.30
CA GLY A 204 13.91 7.14 1.91
C GLY A 204 13.05 6.40 0.89
N ARG A 205 11.95 5.77 1.33
CA ARG A 205 11.11 5.02 0.41
C ARG A 205 10.16 5.90 -0.37
N TYR A 206 9.72 7.02 0.20
CA TYR A 206 9.06 8.10 -0.52
C TYR A 206 9.96 9.31 -0.52
N ASP A 207 9.90 10.10 -1.59
CA ASP A 207 10.70 11.32 -1.61
C ASP A 207 9.99 12.50 -0.96
N ALA A 208 8.66 12.48 -0.91
CA ALA A 208 7.87 13.51 -0.26
C ALA A 208 6.45 12.96 -0.10
N PHE A 209 5.65 13.69 0.68
CA PHE A 209 4.32 13.31 1.12
C PHE A 209 3.55 14.58 1.47
N TRP A 210 2.25 14.59 1.14
CA TRP A 210 1.38 15.69 1.57
C TRP A 210 -0.03 15.15 1.81
N GLU A 211 -0.72 15.78 2.75
CA GLU A 211 -2.09 15.35 3.05
C GLU A 211 -2.75 16.39 3.95
N PHE A 212 -4.06 16.55 3.81
CA PHE A 212 -4.84 17.34 4.76
C PHE A 212 -5.98 16.52 5.37
N GLY A 213 -6.54 17.04 6.46
CA GLY A 213 -7.58 16.33 7.16
C GLY A 213 -7.09 15.37 8.22
N LEU A 214 -5.80 15.36 8.53
CA LEU A 214 -5.25 14.40 9.49
C LEU A 214 -5.43 14.86 10.92
N SER A 215 -5.33 13.90 11.84
CA SER A 215 -5.32 14.25 13.26
C SER A 215 -3.91 14.15 13.80
N GLU A 216 -3.74 14.72 14.99
CA GLU A 216 -2.41 14.81 15.59
C GLU A 216 -1.77 13.45 15.79
N TRP A 217 -2.54 12.48 16.28
CA TRP A 217 -1.92 11.19 16.58
C TRP A 217 -1.44 10.43 15.36
N ASP A 218 -2.03 10.67 14.19
CA ASP A 218 -1.54 10.12 12.93
C ASP A 218 -0.17 10.66 12.52
N MET A 219 0.11 11.93 12.80
CA MET A 219 1.26 12.57 12.18
C MET A 219 2.44 12.80 13.14
N ALA A 220 2.20 12.88 14.45
CA ALA A 220 3.21 13.41 15.38
C ALA A 220 4.51 12.60 15.33
N ALA A 221 4.39 11.28 15.54
CA ALA A 221 5.56 10.40 15.55
C ALA A 221 6.28 10.43 14.22
N GLY A 222 5.51 10.32 13.13
CA GLY A 222 6.12 10.26 11.81
C GLY A 222 6.85 11.55 11.45
N ALA A 223 6.32 12.69 11.89
CA ALA A 223 7.00 13.96 11.68
C ALA A 223 8.36 13.95 12.36
N LEU A 224 8.42 13.45 13.60
CA LEU A 224 9.74 13.36 14.22
C LEU A 224 10.65 12.43 13.43
N LEU A 225 10.11 11.31 12.93
CA LEU A 225 10.94 10.41 12.11
C LEU A 225 11.52 11.16 10.92
N VAL A 226 10.69 11.93 10.22
CA VAL A 226 11.19 12.63 9.04
C VAL A 226 12.27 13.62 9.46
N GLN A 227 12.01 14.41 10.50
CA GLN A 227 12.98 15.40 10.95
C GLN A 227 14.31 14.77 11.34
N GLU A 228 14.27 13.68 12.09
CA GLU A 228 15.49 13.06 12.54
C GLU A 228 16.23 12.35 11.40
N ALA A 229 15.55 12.03 10.30
CA ALA A 229 16.22 11.48 9.13
C ALA A 229 16.80 12.54 8.22
N GLY A 230 16.72 13.81 8.61
CA GLY A 230 17.27 14.92 7.84
C GLY A 230 16.29 15.61 6.91
N GLY A 231 14.98 15.35 7.03
CA GLY A 231 13.97 15.92 6.17
C GLY A 231 13.31 17.14 6.76
N LEU A 232 12.25 17.58 6.07
CA LEU A 232 11.49 18.77 6.44
C LEU A 232 9.99 18.45 6.52
N VAL A 233 9.32 19.13 7.45
CA VAL A 233 7.90 18.97 7.73
C VAL A 233 7.29 20.35 7.96
N SER A 234 6.13 20.59 7.37
CA SER A 234 5.45 21.86 7.56
C SER A 234 3.96 21.65 7.30
N ASP A 235 3.18 22.70 7.54
CA ASP A 235 1.81 22.69 7.07
C ASP A 235 1.78 23.16 5.62
N PHE A 236 0.58 23.35 5.07
CA PHE A 236 0.48 23.71 3.66
C PHE A 236 1.00 25.11 3.38
N THR A 237 1.16 25.93 4.41
CA THR A 237 1.69 27.28 4.27
C THR A 237 3.18 27.35 4.58
N GLY A 238 3.84 26.23 4.88
CA GLY A 238 5.25 26.25 5.20
C GLY A 238 5.59 26.54 6.64
N SER A 239 4.58 26.71 7.51
CA SER A 239 4.76 26.94 8.93
C SER A 239 4.71 25.61 9.70
N HIS A 240 4.94 25.66 11.03
CA HIS A 240 5.12 24.45 11.83
C HIS A 240 3.89 24.05 12.65
N GLU A 241 2.69 24.45 12.22
CA GLU A 241 1.48 24.08 12.94
C GLU A 241 0.70 22.96 12.27
N PHE A 242 1.41 22.00 11.69
CA PHE A 242 0.74 20.89 11.01
C PHE A 242 -0.05 20.04 12.00
N LEU A 243 0.48 19.86 13.22
CA LEU A 243 -0.20 19.00 14.20
C LEU A 243 -1.58 19.54 14.53
N GLU A 244 -1.72 20.85 14.68
CA GLU A 244 -2.97 21.47 15.06
C GLU A 244 -3.92 21.68 13.88
N LYS A 245 -3.39 21.91 12.68
CA LYS A 245 -4.18 22.31 11.52
C LYS A 245 -4.58 21.13 10.65
N GLY A 246 -3.87 20.00 10.75
CA GLY A 246 -4.25 18.78 10.10
C GLY A 246 -3.73 18.58 8.69
N HIS A 247 -3.07 19.58 8.11
CA HIS A 247 -2.42 19.43 6.83
C HIS A 247 -0.90 19.50 6.96
N ILE A 248 -0.22 18.65 6.19
CA ILE A 248 1.19 18.37 6.38
C ILE A 248 1.83 18.12 5.02
N VAL A 249 3.04 18.68 4.86
CA VAL A 249 3.99 18.35 3.81
C VAL A 249 5.26 17.88 4.48
N ALA A 250 5.77 16.71 4.07
CA ALA A 250 7.04 16.20 4.56
C ALA A 250 7.86 15.69 3.38
N GLY A 251 9.17 15.80 3.49
CA GLY A 251 9.96 15.27 2.39
C GLY A 251 11.44 15.43 2.66
N ASN A 252 12.24 14.93 1.73
CA ASN A 252 13.63 15.35 1.71
C ASN A 252 13.70 16.85 1.37
N THR A 253 14.90 17.41 1.41
CA THR A 253 15.05 18.87 1.34
C THR A 253 14.43 19.45 0.08
N LYS A 254 14.93 19.02 -1.07
CA LYS A 254 14.56 19.64 -2.33
C LYS A 254 13.14 19.26 -2.75
N CYS A 255 12.73 18.01 -2.50
CA CYS A 255 11.40 17.57 -2.84
C CYS A 255 10.34 18.14 -1.88
N PHE A 256 10.68 18.33 -0.59
CA PHE A 256 9.80 19.12 0.27
C PHE A 256 9.56 20.51 -0.30
N LYS A 257 10.64 21.21 -0.64
CA LYS A 257 10.49 22.57 -1.12
C LYS A 257 9.66 22.61 -2.40
N ALA A 258 9.97 21.71 -3.34
CA ALA A 258 9.26 21.68 -4.62
C ALA A 258 7.78 21.30 -4.44
N LEU A 259 7.50 20.34 -3.57
CA LEU A 259 6.11 19.94 -3.38
C LEU A 259 5.30 21.07 -2.74
N LEU A 260 5.88 21.75 -1.74
CA LEU A 260 5.22 22.89 -1.13
C LEU A 260 4.89 23.96 -2.17
N THR A 261 5.89 24.35 -2.98
CA THR A 261 5.65 25.32 -4.04
C THR A 261 4.57 24.86 -5.01
N THR A 262 4.63 23.59 -5.45
CA THR A 262 3.67 23.07 -6.41
C THR A 262 2.25 23.16 -5.89
N ILE A 263 2.03 22.85 -4.61
CA ILE A 263 0.66 22.84 -4.12
C ILE A 263 0.12 24.21 -3.75
N GLN A 264 0.98 25.22 -3.56
CA GLN A 264 0.46 26.57 -3.29
C GLN A 264 -0.70 27.08 -4.14
N PRO A 265 -0.70 27.05 -5.47
CA PRO A 265 -1.82 27.68 -6.20
C PRO A 265 -3.19 27.00 -5.96
N HIS A 266 -3.23 25.80 -5.40
CA HIS A 266 -4.48 25.07 -5.20
C HIS A 266 -4.91 25.05 -3.74
N LEU A 267 -4.40 25.96 -2.97
CA LEU A 267 -4.83 25.89 -1.58
C LEU A 267 -6.09 26.72 -1.39
N PRO A 268 -7.13 26.17 -0.78
CA PRO A 268 -8.32 26.97 -0.51
C PRO A 268 -7.98 27.94 0.60
N PRO A 269 -8.71 29.04 0.78
CA PRO A 269 -8.48 29.82 2.01
C PRO A 269 -8.81 29.01 3.27
N SER A 270 -9.65 27.97 3.17
CA SER A 270 -9.86 27.04 4.27
C SER A 270 -8.54 26.44 4.76
N LEU A 271 -7.65 26.07 3.81
CA LEU A 271 -6.38 25.43 4.13
C LEU A 271 -5.22 26.40 3.92
N LYS A 272 -5.35 27.63 4.44
CA LYS A 272 -4.32 28.68 4.28
C LYS A 272 -4.26 29.55 5.52
N GLY B 1 -0.30 -30.41 -1.54
CA GLY B 1 -1.24 -31.39 -1.03
C GLY B 1 -2.51 -31.52 -1.86
N SER B 2 -3.33 -30.47 -1.85
CA SER B 2 -4.57 -30.40 -2.64
C SER B 2 -4.33 -29.86 -4.06
N MET B 3 -3.18 -29.22 -4.29
CA MET B 3 -2.90 -28.60 -5.58
C MET B 3 -2.55 -29.61 -6.66
N GLN B 4 -3.00 -29.33 -7.88
CA GLN B 4 -2.55 -30.07 -9.05
C GLN B 4 -1.06 -29.85 -9.25
N PRO B 5 -0.35 -30.84 -9.79
CA PRO B 5 1.12 -30.71 -9.90
C PRO B 5 1.60 -29.46 -10.65
N MET B 6 0.89 -29.05 -11.71
CA MET B 6 1.29 -27.89 -12.49
C MET B 6 1.22 -26.63 -11.62
N LEU B 7 0.17 -26.52 -10.80
CA LEU B 7 0.06 -25.38 -9.89
C LEU B 7 1.18 -25.42 -8.85
N ASN B 8 1.53 -26.62 -8.37
CA ASN B 8 2.62 -26.73 -7.39
C ASN B 8 3.97 -26.29 -7.98
N ILE B 9 4.22 -26.67 -9.24
CA ILE B 9 5.43 -26.24 -9.96
C ILE B 9 5.49 -24.72 -10.05
N ALA B 10 4.38 -24.11 -10.48
CA ALA B 10 4.34 -22.65 -10.56
C ALA B 10 4.58 -22.01 -9.20
N LEU B 11 4.00 -22.58 -8.14
CA LEU B 11 4.17 -22.02 -6.81
C LEU B 11 5.62 -22.10 -6.32
N ARG B 12 6.29 -23.24 -6.53
CA ARG B 12 7.69 -23.35 -6.10
C ARG B 12 8.59 -22.39 -6.88
N ALA B 13 8.34 -22.23 -8.18
CA ALA B 13 9.08 -21.27 -8.97
C ALA B 13 8.89 -19.86 -8.44
N ALA B 14 7.64 -19.50 -8.11
CA ALA B 14 7.37 -18.17 -7.54
C ALA B 14 8.10 -17.99 -6.21
N ARG B 15 8.13 -19.02 -5.37
CA ARG B 15 8.84 -18.88 -4.09
C ARG B 15 10.31 -18.57 -4.33
N SER B 16 10.96 -19.31 -5.24
CA SER B 16 12.38 -19.09 -5.50
C SER B 16 12.62 -17.68 -6.06
N ALA B 17 11.82 -17.28 -7.04
CA ALA B 17 11.95 -15.93 -7.56
C ALA B 17 11.78 -14.90 -6.45
N GLY B 18 10.80 -15.12 -5.56
CA GLY B 18 10.51 -14.15 -4.52
C GLY B 18 11.64 -14.01 -3.54
N GLU B 19 12.30 -15.13 -3.20
CA GLU B 19 13.47 -15.03 -2.34
C GLU B 19 14.61 -14.27 -3.00
N LEU B 20 14.80 -14.47 -4.29
CA LEU B 20 15.83 -13.68 -4.94
C LEU B 20 15.51 -12.19 -4.87
N ILE B 21 14.28 -11.81 -5.22
CA ILE B 21 13.88 -10.40 -5.18
C ILE B 21 14.00 -9.82 -3.77
N PHE B 22 13.66 -10.63 -2.75
CA PHE B 22 13.70 -10.15 -1.38
C PHE B 22 15.13 -9.86 -0.96
N ARG B 23 16.06 -10.76 -1.28
CA ARG B 23 17.46 -10.47 -0.94
C ARG B 23 17.91 -9.19 -1.64
N SER B 24 17.47 -9.01 -2.89
CA SER B 24 17.84 -7.82 -3.67
C SER B 24 17.35 -6.52 -3.00
N ILE B 25 16.08 -6.48 -2.60
CA ILE B 25 15.55 -5.26 -1.98
C ILE B 25 16.32 -4.99 -0.71
N GLU B 26 16.66 -6.05 0.02
CA GLU B 26 17.39 -5.86 1.25
C GLU B 26 18.75 -5.21 0.99
N ARG B 27 19.43 -5.62 -0.09
CA ARG B 27 20.73 -4.96 -0.34
C ARG B 27 20.52 -3.53 -0.82
N LEU B 28 19.45 -3.27 -1.58
CA LEU B 28 19.27 -1.92 -2.09
C LEU B 28 18.70 -0.91 -1.09
N ASP B 29 18.11 -1.34 0.05
CA ASP B 29 17.71 -0.32 1.03
C ASP B 29 18.88 0.23 1.83
N VAL B 30 19.97 -0.52 1.95
CA VAL B 30 21.12 -0.08 2.72
C VAL B 30 22.20 0.51 1.82
N ILE B 31 21.95 0.62 0.50
CA ILE B 31 22.93 1.20 -0.41
C ILE B 31 22.23 2.19 -1.32
N SER B 32 23.05 3.12 -1.79
CA SER B 32 22.67 4.13 -2.76
C SER B 32 22.30 3.60 -4.14
N VAL B 33 21.20 4.13 -4.64
CA VAL B 33 20.55 3.80 -5.89
C VAL B 33 20.81 5.09 -6.65
N ASN B 34 21.77 5.04 -7.57
CA ASN B 34 22.15 6.17 -8.43
C ASN B 34 21.00 6.83 -9.15
N GLU B 35 20.13 6.02 -9.74
CA GLU B 35 18.95 6.38 -10.51
C GLU B 35 19.37 6.40 -11.96
N LYS B 36 20.68 6.45 -12.22
CA LYS B 36 21.11 6.14 -13.57
C LYS B 36 21.17 4.64 -13.71
N ASP B 37 21.46 4.02 -12.59
CA ASP B 37 21.62 2.60 -12.40
C ASP B 37 20.34 1.94 -11.97
N ALA B 38 19.31 2.72 -11.68
CA ALA B 38 18.07 2.13 -11.22
C ALA B 38 17.42 1.32 -12.30
N LYS B 39 17.37 1.84 -13.52
CA LYS B 39 16.72 1.03 -14.54
C LYS B 39 17.56 -0.22 -14.84
N ASP B 40 18.89 -0.15 -14.63
CA ASP B 40 19.72 -1.33 -14.87
C ASP B 40 19.65 -2.32 -13.71
N TYR B 41 19.56 -1.82 -12.49
CA TYR B 41 19.40 -2.73 -11.35
C TYR B 41 18.05 -3.45 -11.40
N VAL B 42 16.98 -2.73 -11.74
CA VAL B 42 15.69 -3.40 -11.86
C VAL B 42 15.75 -4.41 -13.00
N THR B 43 16.34 -4.04 -14.14
CA THR B 43 16.40 -5.00 -15.25
C THR B 43 17.17 -6.24 -14.84
N GLU B 44 18.29 -6.06 -14.12
CA GLU B 44 19.05 -7.18 -13.59
C GLU B 44 18.16 -8.07 -12.72
N VAL B 45 17.50 -7.48 -11.71
CA VAL B 45 16.71 -8.29 -10.78
C VAL B 45 15.56 -8.98 -11.52
N ASP B 46 14.87 -8.25 -12.42
CA ASP B 46 13.82 -8.84 -13.25
C ASP B 46 14.32 -10.05 -13.99
N ARG B 47 15.47 -9.93 -14.66
CA ARG B 47 15.93 -11.02 -15.51
C ARG B 47 16.39 -12.19 -14.66
N ALA B 48 16.99 -11.94 -13.51
CA ALA B 48 17.37 -13.07 -12.65
C ALA B 48 16.11 -13.77 -12.12
N ALA B 49 15.10 -13.02 -11.70
CA ALA B 49 13.86 -13.65 -11.25
C ALA B 49 13.17 -14.37 -12.38
N GLU B 50 13.16 -13.79 -13.58
CA GLU B 50 12.55 -14.47 -14.72
C GLU B 50 13.29 -15.76 -15.06
N GLN B 51 14.62 -15.74 -15.00
CA GLN B 51 15.37 -16.96 -15.26
C GLN B 51 15.02 -18.03 -14.22
N THR B 52 14.95 -17.64 -12.95
CA THR B 52 14.57 -18.55 -11.88
C THR B 52 13.23 -19.21 -12.19
N ILE B 53 12.23 -18.39 -12.52
CA ILE B 53 10.91 -18.92 -12.79
C ILE B 53 10.93 -19.84 -14.00
N VAL B 54 11.52 -19.38 -15.11
CA VAL B 54 11.48 -20.12 -16.36
C VAL B 54 12.23 -21.44 -16.24
N ALA B 55 13.38 -21.44 -15.55
CA ALA B 55 14.14 -22.67 -15.34
C ALA B 55 13.29 -23.67 -14.58
N ALA B 56 12.59 -23.20 -13.52
CA ALA B 56 11.76 -24.11 -12.75
C ALA B 56 10.63 -24.66 -13.61
N LEU B 57 10.01 -23.80 -14.41
CA LEU B 57 8.88 -24.24 -15.25
C LEU B 57 9.33 -25.26 -16.31
N ARG B 58 10.43 -24.96 -17.02
CA ARG B 58 10.87 -25.79 -18.12
C ARG B 58 11.50 -27.10 -17.64
N LYS B 59 11.99 -27.14 -16.40
CA LYS B 59 12.43 -28.42 -15.85
C LYS B 59 11.24 -29.40 -15.77
N ALA B 60 10.04 -28.90 -15.49
CA ALA B 60 8.85 -29.74 -15.47
C ALA B 60 8.17 -29.84 -16.84
N TYR B 61 8.07 -28.74 -17.60
CA TYR B 61 7.32 -28.73 -18.85
C TYR B 61 8.13 -28.06 -19.96
N PRO B 62 9.11 -28.78 -20.53
CA PRO B 62 9.98 -28.15 -21.53
C PRO B 62 9.30 -27.81 -22.86
N THR B 63 8.14 -28.39 -23.16
CA THR B 63 7.44 -28.15 -24.41
C THR B 63 6.35 -27.08 -24.29
N HIS B 64 6.22 -26.44 -23.13
CA HIS B 64 5.23 -25.38 -22.99
C HIS B 64 5.76 -24.06 -23.57
N ALA B 65 4.83 -23.20 -23.94
CA ALA B 65 5.17 -21.85 -24.34
C ALA B 65 5.34 -20.92 -23.13
N ILE B 66 6.20 -19.93 -23.28
CA ILE B 66 6.55 -18.97 -22.23
C ILE B 66 6.47 -17.55 -22.78
N MET B 67 5.87 -16.66 -22.02
CA MET B 67 5.77 -15.23 -22.29
C MET B 67 6.16 -14.51 -20.98
N GLY B 68 7.39 -14.05 -20.93
CA GLY B 68 7.87 -13.30 -19.78
C GLY B 68 7.86 -11.80 -19.99
N GLU B 69 7.74 -11.05 -18.89
CA GLU B 69 7.80 -9.59 -19.02
C GLU B 69 9.13 -9.16 -19.62
N GLU B 70 10.26 -9.73 -19.14
CA GLU B 70 11.57 -9.34 -19.69
C GLU B 70 11.81 -9.95 -21.06
N GLY B 71 11.50 -11.21 -21.19
CA GLY B 71 11.84 -11.95 -22.38
C GLY B 71 10.63 -11.90 -23.30
N GLY B 72 10.80 -12.39 -24.49
CA GLY B 72 9.74 -12.38 -25.47
C GLY B 72 8.76 -13.52 -25.20
N LEU B 73 8.11 -13.92 -26.27
CA LEU B 73 7.09 -14.96 -26.33
C LEU B 73 7.83 -16.07 -27.05
N ILE B 74 7.85 -17.27 -26.48
CA ILE B 74 8.50 -18.41 -27.12
C ILE B 74 7.51 -19.54 -27.19
N GLU B 75 7.24 -20.01 -28.40
CA GLU B 75 6.23 -21.05 -28.55
C GLU B 75 6.76 -22.39 -28.05
N GLY B 76 5.80 -23.28 -27.77
CA GLY B 76 6.06 -24.64 -27.37
C GLY B 76 5.99 -25.58 -28.55
N SER B 77 5.83 -26.87 -28.24
CA SER B 77 5.83 -27.94 -29.23
C SER B 77 4.93 -29.04 -28.71
N GLY B 78 4.37 -29.82 -29.66
CA GLY B 78 3.42 -30.90 -29.43
C GLY B 78 2.21 -30.39 -28.66
N GLU B 79 1.65 -31.28 -27.84
CA GLU B 79 0.55 -30.91 -26.96
C GLU B 79 0.93 -29.69 -26.12
N GLY B 80 2.17 -29.66 -25.62
CA GLY B 80 2.63 -28.52 -24.83
C GLY B 80 2.46 -27.17 -25.49
N ALA B 81 2.32 -27.12 -26.81
CA ALA B 81 2.10 -25.85 -27.49
C ALA B 81 0.81 -25.17 -27.04
N ASP B 82 -0.13 -25.94 -26.49
CA ASP B 82 -1.40 -25.38 -26.02
C ASP B 82 -1.27 -24.70 -24.67
N TYR B 83 -0.10 -24.81 -24.00
CA TYR B 83 0.15 -24.18 -22.71
C TYR B 83 1.01 -22.94 -22.87
N LEU B 84 0.59 -21.84 -22.26
CA LEU B 84 1.34 -20.59 -22.29
C LEU B 84 1.49 -20.06 -20.87
N TRP B 85 2.74 -19.94 -20.39
CA TRP B 85 3.00 -19.31 -19.10
C TRP B 85 3.14 -17.81 -19.31
N VAL B 86 2.48 -17.02 -18.47
CA VAL B 86 2.48 -15.57 -18.57
C VAL B 86 3.06 -15.05 -17.25
N ILE B 87 4.26 -14.48 -17.31
CA ILE B 87 5.09 -14.21 -16.14
C ILE B 87 5.36 -12.72 -16.06
N ASP B 88 5.00 -12.10 -14.92
CA ASP B 88 5.66 -10.85 -14.54
C ASP B 88 6.56 -11.22 -13.38
N PRO B 89 7.88 -11.25 -13.55
CA PRO B 89 8.73 -11.68 -12.44
C PRO B 89 8.75 -10.70 -11.30
N LEU B 90 8.43 -9.42 -11.53
CA LEU B 90 8.45 -8.49 -10.41
C LEU B 90 7.48 -7.38 -10.78
N ASP B 91 6.26 -7.47 -10.26
CA ASP B 91 5.19 -6.50 -10.42
C ASP B 91 5.24 -5.50 -9.28
N GLY B 92 5.33 -4.21 -9.62
CA GLY B 92 5.55 -3.16 -8.65
C GLY B 92 6.96 -2.63 -8.71
N THR B 93 7.44 -2.33 -9.94
CA THR B 93 8.83 -1.98 -10.12
C THR B 93 9.20 -0.62 -9.53
N THR B 94 8.28 0.37 -9.58
CA THR B 94 8.57 1.68 -8.97
C THR B 94 8.71 1.59 -7.45
N ASN B 95 7.75 0.87 -6.80
CA ASN B 95 7.88 0.52 -5.39
C ASN B 95 9.19 -0.16 -5.09
N PHE B 96 9.52 -1.20 -5.85
CA PHE B 96 10.71 -1.98 -5.56
C PHE B 96 11.95 -1.09 -5.57
N ILE B 97 12.12 -0.31 -6.64
CA ILE B 97 13.34 0.47 -6.77
C ILE B 97 13.41 1.56 -5.70
N HIS B 98 12.28 2.01 -5.15
CA HIS B 98 12.31 2.93 -4.02
C HIS B 98 12.39 2.24 -2.66
N GLY B 99 12.32 0.92 -2.61
CA GLY B 99 12.30 0.23 -1.33
C GLY B 99 10.94 0.09 -0.68
N VAL B 100 9.86 0.46 -1.35
CA VAL B 100 8.52 0.27 -0.78
C VAL B 100 8.18 -1.22 -0.71
N PRO B 101 7.95 -1.80 0.45
CA PRO B 101 7.79 -3.26 0.50
C PRO B 101 6.40 -3.72 0.09
N HIS B 102 6.06 -3.45 -1.18
CA HIS B 102 4.78 -3.90 -1.70
C HIS B 102 4.95 -4.23 -3.17
N PHE B 103 5.15 -5.51 -3.47
CA PHE B 103 5.37 -5.96 -4.85
C PHE B 103 5.19 -7.46 -4.83
N ALA B 104 5.17 -8.07 -6.02
CA ALA B 104 4.84 -9.49 -6.10
C ALA B 104 5.36 -10.09 -7.40
N VAL B 105 5.51 -11.42 -7.36
CA VAL B 105 5.71 -12.25 -8.54
C VAL B 105 4.36 -12.71 -9.03
N SER B 106 4.14 -12.67 -10.35
CA SER B 106 2.85 -13.07 -10.92
C SER B 106 3.10 -14.09 -12.03
N ILE B 107 2.52 -15.29 -11.88
CA ILE B 107 2.68 -16.37 -12.85
C ILE B 107 1.29 -16.91 -13.14
N ALA B 108 0.89 -16.89 -14.41
CA ALA B 108 -0.35 -17.55 -14.81
C ALA B 108 -0.02 -18.58 -15.87
N CYS B 109 -0.89 -19.56 -15.97
CA CYS B 109 -0.83 -20.56 -17.02
C CYS B 109 -2.16 -20.57 -17.75
N LYS B 110 -2.09 -20.44 -19.07
CA LYS B 110 -3.26 -20.48 -19.93
C LYS B 110 -3.26 -21.80 -20.71
N TYR B 111 -4.42 -22.44 -20.76
CA TYR B 111 -4.61 -23.64 -21.54
C TYR B 111 -5.57 -23.31 -22.67
N LYS B 112 -5.07 -23.37 -23.90
CA LYS B 112 -5.80 -22.97 -25.09
C LYS B 112 -6.41 -21.58 -24.89
N GLY B 113 -5.63 -20.69 -24.29
CA GLY B 113 -6.03 -19.30 -24.15
C GLY B 113 -6.93 -19.03 -22.98
N ARG B 114 -7.28 -20.04 -22.19
CA ARG B 114 -8.11 -19.85 -21.02
C ARG B 114 -7.26 -20.00 -19.77
N LEU B 115 -7.53 -19.13 -18.79
CA LEU B 115 -6.76 -19.14 -17.56
C LEU B 115 -6.93 -20.46 -16.82
N GLU B 116 -5.83 -21.14 -16.55
CA GLU B 116 -5.86 -22.46 -15.94
C GLU B 116 -5.19 -22.48 -14.57
N HIS B 117 -4.04 -21.82 -14.41
CA HIS B 117 -3.39 -21.77 -13.09
C HIS B 117 -2.88 -20.37 -12.81
N ALA B 118 -2.76 -20.04 -11.52
CA ALA B 118 -2.35 -18.68 -11.16
C ALA B 118 -1.66 -18.68 -9.81
N VAL B 119 -0.58 -17.91 -9.71
CA VAL B 119 0.16 -17.63 -8.48
C VAL B 119 0.48 -16.14 -8.45
N VAL B 120 0.17 -15.48 -7.33
CA VAL B 120 0.67 -14.14 -7.03
C VAL B 120 1.34 -14.22 -5.66
N LEU B 121 2.64 -13.93 -5.61
CA LEU B 121 3.41 -14.16 -4.37
C LEU B 121 4.02 -12.84 -3.93
N ASP B 122 3.63 -12.42 -2.74
CA ASP B 122 4.23 -11.30 -2.03
C ASP B 122 5.35 -11.84 -1.15
N PRO B 123 6.63 -11.63 -1.52
CA PRO B 123 7.73 -12.22 -0.74
C PRO B 123 8.07 -11.46 0.53
N VAL B 124 7.59 -10.24 0.67
CA VAL B 124 7.83 -9.52 1.91
C VAL B 124 6.91 -10.03 3.00
N ARG B 125 5.62 -9.96 2.74
CA ARG B 125 4.61 -10.44 3.66
C ARG B 125 4.42 -11.96 3.62
N GLN B 126 5.12 -12.67 2.74
CA GLN B 126 5.03 -14.13 2.60
C GLN B 126 3.59 -14.57 2.34
N GLU B 127 2.96 -13.92 1.37
CA GLU B 127 1.57 -14.24 1.04
C GLU B 127 1.49 -14.89 -0.33
N GLU B 128 1.02 -16.15 -0.35
CA GLU B 128 0.96 -16.94 -1.56
C GLU B 128 -0.50 -17.09 -2.00
N PHE B 129 -0.89 -16.35 -3.02
CA PHE B 129 -2.21 -16.50 -3.61
C PHE B 129 -2.12 -17.49 -4.76
N THR B 130 -2.91 -18.54 -4.67
CA THR B 130 -2.91 -19.59 -5.67
C THR B 130 -4.32 -19.85 -6.12
N ALA B 131 -4.45 -20.31 -7.36
CA ALA B 131 -5.76 -20.76 -7.82
C ALA B 131 -5.55 -21.65 -9.04
N SER B 132 -6.49 -22.57 -9.24
CA SER B 132 -6.62 -23.35 -10.45
C SER B 132 -8.06 -23.30 -10.92
N ARG B 133 -8.25 -23.37 -12.22
CA ARG B 133 -9.58 -23.30 -12.79
C ARG B 133 -10.49 -24.39 -12.22
N GLY B 134 -11.65 -23.95 -11.72
CA GLY B 134 -12.59 -24.89 -11.13
C GLY B 134 -12.19 -25.44 -9.78
N ARG B 135 -11.12 -24.92 -9.15
CA ARG B 135 -10.61 -25.43 -7.89
C ARG B 135 -10.69 -24.41 -6.77
N GLY B 136 -11.10 -23.19 -7.05
CA GLY B 136 -11.07 -22.15 -6.06
C GLY B 136 -9.69 -21.53 -5.90
N ALA B 137 -9.65 -20.50 -5.07
CA ALA B 137 -8.44 -19.75 -4.77
C ALA B 137 -8.13 -19.83 -3.28
N ALA B 138 -6.86 -19.59 -2.95
CA ALA B 138 -6.36 -19.73 -1.59
C ALA B 138 -5.26 -18.71 -1.33
N LEU B 139 -5.17 -18.31 -0.06
CA LEU B 139 -4.06 -17.53 0.49
C LEU B 139 -3.38 -18.44 1.53
N ASN B 140 -2.13 -18.84 1.24
CA ASN B 140 -1.40 -19.76 2.10
C ASN B 140 -2.24 -20.99 2.49
N GLY B 141 -2.98 -21.55 1.53
CA GLY B 141 -3.68 -22.78 1.83
C GLY B 141 -5.12 -22.57 2.31
N ARG B 142 -5.49 -21.35 2.65
CA ARG B 142 -6.81 -21.04 3.18
C ARG B 142 -7.70 -20.57 2.03
N ARG B 143 -8.87 -21.18 1.91
CA ARG B 143 -9.80 -20.87 0.83
C ARG B 143 -10.27 -19.42 0.88
N LEU B 144 -10.42 -18.82 -0.30
CA LEU B 144 -10.71 -17.40 -0.45
C LEU B 144 -12.09 -17.16 -1.04
N ARG B 145 -12.72 -16.12 -0.59
CA ARG B 145 -13.98 -15.53 -1.06
C ARG B 145 -13.94 -14.04 -1.20
N VAL B 146 -14.56 -13.56 -2.27
CA VAL B 146 -14.77 -12.13 -2.42
C VAL B 146 -15.69 -11.67 -1.29
N SER B 147 -15.64 -10.38 -1.00
CA SER B 147 -16.46 -9.85 0.06
C SER B 147 -17.93 -9.95 -0.31
N GLY B 148 -18.81 -9.79 0.69
CA GLY B 148 -20.24 -9.87 0.47
C GLY B 148 -20.92 -8.54 0.29
N ARG B 149 -20.18 -7.45 0.35
CA ARG B 149 -20.75 -6.10 0.31
C ARG B 149 -21.63 -5.90 -0.92
N LYS B 150 -22.82 -5.35 -0.70
CA LYS B 150 -23.90 -5.25 -1.68
C LYS B 150 -23.92 -3.98 -2.53
N SER B 151 -23.13 -2.98 -2.19
CA SER B 151 -23.08 -1.74 -2.96
C SER B 151 -21.75 -1.06 -2.64
N LEU B 152 -21.51 0.09 -3.28
CA LEU B 152 -20.30 0.88 -3.08
C LEU B 152 -20.28 1.63 -1.76
N GLU B 153 -21.39 1.64 -1.02
CA GLU B 153 -21.44 2.28 0.29
C GLU B 153 -20.41 1.66 1.20
N GLY B 154 -19.44 2.46 1.64
CA GLY B 154 -18.40 1.95 2.50
C GLY B 154 -17.40 1.04 1.86
N ALA B 155 -17.43 0.92 0.53
CA ALA B 155 -16.53 0.02 -0.18
C ALA B 155 -15.10 0.54 -0.16
N LEU B 156 -14.14 -0.40 -0.18
CA LEU B 156 -12.73 -0.07 -0.38
C LEU B 156 -12.32 -0.53 -1.77
N LEU B 157 -12.03 0.42 -2.65
CA LEU B 157 -11.63 0.14 -4.02
C LEU B 157 -10.12 0.30 -4.19
N GLY B 158 -9.51 -0.52 -5.05
CA GLY B 158 -8.16 -0.29 -5.54
C GLY B 158 -8.10 0.22 -6.97
N THR B 159 -7.03 0.93 -7.32
CA THR B 159 -6.87 1.36 -8.70
C THR B 159 -5.42 1.75 -8.92
N GLY B 160 -5.01 1.86 -10.17
CA GLY B 160 -3.71 2.49 -10.33
C GLY B 160 -3.56 3.57 -11.39
N PHE B 161 -2.94 4.76 -11.09
CA PHE B 161 -2.95 5.56 -12.33
C PHE B 161 -1.75 5.09 -13.18
N PRO B 162 -1.89 5.04 -14.50
CA PRO B 162 -0.76 4.72 -15.39
C PRO B 162 0.10 5.98 -15.64
N PHE B 163 1.41 5.92 -15.29
CA PHE B 163 2.33 7.09 -15.17
C PHE B 163 3.11 7.52 -16.42
N ARG B 164 3.04 6.72 -17.47
CA ARG B 164 3.80 6.88 -18.72
C ARG B 164 3.28 8.07 -19.54
N ASP B 165 4.18 8.60 -20.38
CA ASP B 165 3.77 9.66 -21.29
C ASP B 165 2.59 9.24 -22.14
N ASN B 166 2.60 8.01 -22.68
CA ASN B 166 1.50 7.68 -23.58
C ASN B 166 0.08 7.52 -22.97
N GLN B 167 -0.12 7.64 -21.64
CA GLN B 167 -1.44 7.67 -20.99
C GLN B 167 -1.87 9.00 -20.40
N ILE B 168 -1.06 10.05 -20.56
CA ILE B 168 -1.27 11.32 -19.88
C ILE B 168 -2.63 11.89 -20.27
N ASP B 169 -2.98 11.72 -21.55
CA ASP B 169 -4.21 12.17 -22.20
C ASP B 169 -5.48 11.50 -21.65
N ASN B 170 -5.38 10.49 -20.76
CA ASN B 170 -6.56 9.86 -20.16
C ASN B 170 -6.82 10.34 -18.74
N LEU B 171 -5.90 11.14 -18.18
CA LEU B 171 -5.93 11.57 -16.78
C LEU B 171 -7.26 12.19 -16.38
N ASP B 172 -7.75 13.17 -17.14
CA ASP B 172 -9.01 13.78 -16.75
C ASP B 172 -10.15 12.77 -16.60
N ASN B 173 -10.32 11.85 -17.56
CA ASN B 173 -11.37 10.84 -17.34
C ASN B 173 -11.17 10.17 -15.99
N TYR B 174 -9.93 9.73 -15.73
CA TYR B 174 -9.65 9.07 -14.46
C TYR B 174 -10.03 9.95 -13.30
N LEU B 175 -9.63 11.23 -13.31
CA LEU B 175 -9.95 12.05 -12.16
C LEU B 175 -11.46 12.25 -12.06
N ASN B 176 -12.15 12.13 -13.18
CA ASN B 176 -13.60 12.15 -13.17
C ASN B 176 -14.15 10.87 -12.53
N MET B 177 -13.66 9.71 -12.96
CA MET B 177 -14.03 8.43 -12.34
C MET B 177 -13.86 8.58 -10.83
N PHE B 178 -12.64 8.88 -10.39
CA PHE B 178 -12.34 9.09 -8.98
C PHE B 178 -13.39 9.96 -8.31
N ARG B 179 -13.75 11.09 -8.93
CA ARG B 179 -14.67 12.01 -8.26
C ARG B 179 -15.98 11.33 -7.94
N SER B 180 -16.54 10.63 -8.92
CA SER B 180 -17.86 10.06 -8.72
C SER B 180 -17.86 8.96 -7.67
N LEU B 181 -16.68 8.48 -7.25
CA LEU B 181 -16.61 7.42 -6.25
C LEU B 181 -16.34 7.94 -4.83
N VAL B 182 -16.00 9.23 -4.66
CA VAL B 182 -15.52 9.68 -3.36
C VAL B 182 -16.64 9.75 -2.31
N GLY B 183 -17.85 10.09 -2.74
CA GLY B 183 -18.95 10.23 -1.78
C GLY B 183 -19.29 8.93 -1.08
N GLN B 184 -19.53 7.87 -1.86
CA GLN B 184 -20.03 6.61 -1.30
C GLN B 184 -18.98 5.76 -0.60
N THR B 185 -17.78 5.67 -1.17
CA THR B 185 -16.78 4.72 -0.71
C THR B 185 -16.11 5.17 0.59
N ALA B 186 -15.56 4.19 1.31
CA ALA B 186 -14.72 4.45 2.48
C ALA B 186 -13.29 4.77 2.09
N GLY B 187 -12.86 4.35 0.90
CA GLY B 187 -11.53 4.68 0.45
C GLY B 187 -11.24 4.13 -0.93
N ILE B 188 -10.27 4.77 -1.57
CA ILE B 188 -9.70 4.32 -2.83
C ILE B 188 -8.19 4.27 -2.59
N ARG B 189 -7.57 3.21 -3.05
CA ARG B 189 -6.17 2.92 -2.79
C ARG B 189 -5.38 2.77 -4.07
N ARG B 190 -4.20 3.36 -4.07
CA ARG B 190 -3.23 3.22 -5.15
C ARG B 190 -1.94 2.71 -4.50
N ALA B 191 -1.83 1.38 -4.41
CA ALA B 191 -0.67 0.81 -3.75
C ALA B 191 0.48 0.46 -4.70
N GLY B 192 0.23 0.30 -5.99
CA GLY B 192 1.28 0.23 -6.99
C GLY B 192 1.66 -1.15 -7.49
N ALA B 193 0.80 -2.17 -7.34
CA ALA B 193 1.02 -3.47 -7.96
C ALA B 193 -0.33 -4.08 -8.30
N ALA B 194 -0.66 -4.12 -9.59
CA ALA B 194 -2.01 -4.51 -9.99
C ALA B 194 -2.31 -5.96 -9.63
N SER B 195 -1.30 -6.83 -9.70
CA SER B 195 -1.52 -8.22 -9.35
C SER B 195 -1.92 -8.38 -7.90
N LEU B 196 -1.34 -7.59 -6.99
CA LEU B 196 -1.76 -7.67 -5.58
C LEU B 196 -3.12 -7.02 -5.36
N ASP B 197 -3.48 -5.98 -6.15
CA ASP B 197 -4.83 -5.44 -6.05
C ASP B 197 -5.86 -6.50 -6.43
N LEU B 198 -5.58 -7.24 -7.51
CA LEU B 198 -6.50 -8.31 -7.90
C LEU B 198 -6.52 -9.41 -6.84
N ALA B 199 -5.34 -9.78 -6.33
CA ALA B 199 -5.30 -10.76 -5.26
C ALA B 199 -6.13 -10.30 -4.05
N TYR B 200 -6.11 -9.00 -3.76
CA TYR B 200 -6.86 -8.48 -2.62
C TYR B 200 -8.36 -8.46 -2.89
N VAL B 201 -8.76 -8.20 -4.14
CA VAL B 201 -10.16 -8.40 -4.53
C VAL B 201 -10.57 -9.86 -4.27
N ALA B 202 -9.74 -10.80 -4.72
CA ALA B 202 -10.06 -12.21 -4.55
C ALA B 202 -10.20 -12.59 -3.07
N ALA B 203 -9.32 -12.04 -2.23
CA ALA B 203 -9.35 -12.37 -0.80
C ALA B 203 -10.40 -11.60 -0.01
N GLY B 204 -11.13 -10.67 -0.62
CA GLY B 204 -12.09 -9.87 0.11
C GLY B 204 -11.51 -8.63 0.75
N ARG B 205 -10.24 -8.31 0.48
CA ARG B 205 -9.63 -7.14 1.10
C ARG B 205 -10.03 -5.86 0.37
N TYR B 206 -10.24 -5.92 -0.95
CA TYR B 206 -10.90 -4.86 -1.71
C TYR B 206 -12.25 -5.35 -2.20
N ASP B 207 -13.20 -4.44 -2.30
CA ASP B 207 -14.49 -4.82 -2.82
C ASP B 207 -14.54 -4.73 -4.34
N ALA B 208 -13.68 -3.93 -4.95
CA ALA B 208 -13.61 -3.86 -6.40
C ALA B 208 -12.34 -3.11 -6.74
N PHE B 209 -12.01 -3.15 -8.02
CA PHE B 209 -10.74 -2.65 -8.55
C PHE B 209 -10.92 -2.30 -10.02
N TRP B 210 -10.28 -1.22 -10.44
CA TRP B 210 -10.26 -0.91 -11.85
C TRP B 210 -8.95 -0.23 -12.20
N GLU B 211 -8.50 -0.45 -13.42
CA GLU B 211 -7.27 0.17 -13.89
C GLU B 211 -7.15 -0.03 -15.40
N PHE B 212 -6.53 0.92 -16.06
CA PHE B 212 -6.16 0.78 -17.46
C PHE B 212 -4.67 0.99 -17.66
N GLY B 213 -4.20 0.57 -18.84
CA GLY B 213 -2.78 0.65 -19.14
C GLY B 213 -1.95 -0.54 -18.73
N LEU B 214 -2.58 -1.63 -18.28
CA LEU B 214 -1.85 -2.78 -17.76
C LEU B 214 -1.40 -3.70 -18.88
N SER B 215 -0.43 -4.55 -18.58
CA SER B 215 -0.03 -5.58 -19.52
C SER B 215 -0.60 -6.90 -19.05
N GLU B 216 -0.56 -7.88 -19.94
CA GLU B 216 -1.17 -9.18 -19.65
C GLU B 216 -0.55 -9.81 -18.42
N TRP B 217 0.78 -9.75 -18.27
CA TRP B 217 1.39 -10.41 -17.14
C TRP B 217 1.02 -9.76 -15.83
N ASP B 218 0.63 -8.47 -15.84
CA ASP B 218 0.11 -7.82 -14.63
C ASP B 218 -1.22 -8.42 -14.17
N MET B 219 -2.08 -8.82 -15.12
CA MET B 219 -3.47 -9.10 -14.80
C MET B 219 -3.83 -10.57 -14.79
N ALA B 220 -3.11 -11.42 -15.52
CA ALA B 220 -3.59 -12.77 -15.81
C ALA B 220 -3.83 -13.59 -14.53
N ALA B 221 -2.80 -13.69 -13.68
CA ALA B 221 -2.93 -14.48 -12.47
C ALA B 221 -4.00 -13.90 -11.57
N GLY B 222 -3.98 -12.59 -11.39
CA GLY B 222 -4.93 -11.98 -10.49
C GLY B 222 -6.35 -12.12 -10.99
N ALA B 223 -6.54 -12.08 -12.32
CA ALA B 223 -7.86 -12.32 -12.87
C ALA B 223 -8.35 -13.72 -12.53
N LEU B 224 -7.50 -14.74 -12.67
CA LEU B 224 -7.94 -16.07 -12.27
C LEU B 224 -8.26 -16.13 -10.77
N LEU B 225 -7.46 -15.46 -9.95
CA LEU B 225 -7.74 -15.40 -8.51
C LEU B 225 -9.14 -14.87 -8.24
N VAL B 226 -9.49 -13.74 -8.88
CA VAL B 226 -10.80 -13.15 -8.62
C VAL B 226 -11.90 -14.11 -9.08
N GLN B 227 -11.75 -14.67 -10.29
CA GLN B 227 -12.80 -15.56 -10.81
C GLN B 227 -12.99 -16.76 -9.88
N GLU B 228 -11.90 -17.38 -9.46
CA GLU B 228 -12.02 -18.58 -8.63
C GLU B 228 -12.49 -18.25 -7.20
N ALA B 229 -12.37 -17.01 -6.76
CA ALA B 229 -12.90 -16.64 -5.46
C ALA B 229 -14.38 -16.23 -5.54
N GLY B 230 -14.98 -16.36 -6.72
CA GLY B 230 -16.38 -16.04 -6.90
C GLY B 230 -16.70 -14.65 -7.39
N GLY B 231 -15.70 -13.90 -7.87
CA GLY B 231 -15.90 -12.55 -8.31
C GLY B 231 -16.09 -12.47 -9.83
N LEU B 232 -16.09 -11.24 -10.32
CA LEU B 232 -16.29 -10.98 -11.73
C LEU B 232 -15.15 -10.09 -12.22
N VAL B 233 -14.76 -10.33 -13.49
CA VAL B 233 -13.68 -9.62 -14.14
C VAL B 233 -14.11 -9.33 -15.57
N SER B 234 -13.84 -8.10 -16.02
CA SER B 234 -14.16 -7.71 -17.39
C SER B 234 -13.26 -6.56 -17.78
N ASP B 235 -13.34 -6.12 -19.05
CA ASP B 235 -12.70 -4.87 -19.44
C ASP B 235 -13.68 -3.73 -19.15
N PHE B 236 -13.34 -2.51 -19.58
CA PHE B 236 -14.17 -1.35 -19.25
C PHE B 236 -15.54 -1.38 -19.96
N THR B 237 -15.71 -2.18 -21.01
CA THR B 237 -16.97 -2.30 -21.73
C THR B 237 -17.79 -3.52 -21.29
N GLY B 238 -17.31 -4.26 -20.31
CA GLY B 238 -17.99 -5.44 -19.83
C GLY B 238 -17.69 -6.72 -20.58
N SER B 239 -16.82 -6.68 -21.59
CA SER B 239 -16.49 -7.92 -22.28
C SER B 239 -15.25 -8.56 -21.66
N HIS B 240 -14.87 -9.75 -22.14
CA HIS B 240 -13.83 -10.52 -21.48
C HIS B 240 -12.47 -10.43 -22.16
N GLU B 241 -12.21 -9.33 -22.86
CA GLU B 241 -10.94 -9.07 -23.55
C GLU B 241 -10.07 -8.10 -22.78
N PHE B 242 -10.10 -8.19 -21.44
CA PHE B 242 -9.30 -7.28 -20.64
C PHE B 242 -7.81 -7.54 -20.86
N LEU B 243 -7.43 -8.82 -21.04
CA LEU B 243 -6.03 -9.18 -21.20
C LEU B 243 -5.41 -8.52 -22.43
N GLU B 244 -6.16 -8.42 -23.54
CA GLU B 244 -5.59 -7.86 -24.76
C GLU B 244 -5.60 -6.35 -24.73
N LYS B 245 -6.59 -5.76 -24.07
CA LYS B 245 -6.84 -4.32 -24.11
C LYS B 245 -6.18 -3.56 -22.98
N GLY B 246 -5.86 -4.21 -21.87
CA GLY B 246 -5.10 -3.55 -20.83
C GLY B 246 -5.93 -2.82 -19.80
N HIS B 247 -7.25 -2.72 -19.96
CA HIS B 247 -8.13 -2.14 -18.94
C HIS B 247 -9.02 -3.21 -18.32
N ILE B 248 -9.21 -3.12 -17.01
CA ILE B 248 -9.80 -4.20 -16.23
C ILE B 248 -10.64 -3.61 -15.09
N VAL B 249 -11.79 -4.24 -14.88
CA VAL B 249 -12.62 -4.08 -13.70
C VAL B 249 -12.76 -5.46 -13.06
N ALA B 250 -12.51 -5.55 -11.77
CA ALA B 250 -12.71 -6.78 -11.04
C ALA B 250 -13.43 -6.47 -9.73
N GLY B 251 -14.22 -7.40 -9.24
CA GLY B 251 -14.86 -7.12 -7.96
C GLY B 251 -15.71 -8.27 -7.50
N ASN B 252 -16.27 -8.10 -6.29
CA ASN B 252 -17.36 -8.96 -5.89
C ASN B 252 -18.55 -8.68 -6.82
N THR B 253 -19.62 -9.43 -6.67
CA THR B 253 -20.68 -9.38 -7.66
C THR B 253 -21.25 -7.98 -7.84
N LYS B 254 -21.80 -7.42 -6.76
CA LYS B 254 -22.55 -6.18 -6.86
C LYS B 254 -21.63 -4.99 -7.02
N CYS B 255 -20.47 -5.03 -6.36
CA CYS B 255 -19.55 -3.92 -6.49
C CYS B 255 -18.87 -3.90 -7.86
N PHE B 256 -18.60 -5.08 -8.46
CA PHE B 256 -18.20 -5.12 -9.86
C PHE B 256 -19.24 -4.43 -10.75
N LYS B 257 -20.52 -4.83 -10.62
CA LYS B 257 -21.52 -4.24 -11.50
C LYS B 257 -21.60 -2.73 -11.29
N ALA B 258 -21.62 -2.28 -10.02
CA ALA B 258 -21.73 -0.85 -9.75
C ALA B 258 -20.51 -0.07 -10.24
N LEU B 259 -19.30 -0.61 -10.07
CA LEU B 259 -18.12 0.13 -10.51
C LEU B 259 -18.09 0.26 -12.03
N LEU B 260 -18.41 -0.83 -12.75
CA LEU B 260 -18.51 -0.79 -14.21
C LEU B 260 -19.53 0.27 -14.67
N THR B 261 -20.72 0.25 -14.06
CA THR B 261 -21.74 1.25 -14.35
C THR B 261 -21.22 2.67 -14.08
N THR B 262 -20.58 2.87 -12.93
CA THR B 262 -20.10 4.20 -12.55
C THR B 262 -19.13 4.72 -13.59
N ILE B 263 -18.24 3.86 -14.07
CA ILE B 263 -17.22 4.34 -15.00
C ILE B 263 -17.68 4.43 -16.48
N GLN B 264 -18.79 3.79 -16.93
CA GLN B 264 -19.30 3.99 -18.31
C GLN B 264 -19.33 5.45 -18.80
N PRO B 265 -19.89 6.43 -18.07
CA PRO B 265 -19.97 7.80 -18.61
C PRO B 265 -18.62 8.46 -18.83
N HIS B 266 -17.54 7.91 -18.28
CA HIS B 266 -16.19 8.46 -18.33
C HIS B 266 -15.25 7.73 -19.28
N LEU B 267 -15.77 6.98 -20.27
CA LEU B 267 -14.88 6.24 -21.17
C LEU B 267 -14.48 7.11 -22.36
N PRO B 268 -13.17 7.18 -22.65
CA PRO B 268 -12.67 7.97 -23.80
C PRO B 268 -13.00 7.33 -25.14
N PRO B 269 -13.01 8.13 -26.23
CA PRO B 269 -13.93 7.85 -27.36
C PRO B 269 -13.67 6.50 -28.02
N SER B 270 -12.48 5.94 -27.75
CA SER B 270 -12.10 4.62 -28.24
C SER B 270 -13.15 3.56 -27.92
N LEU B 271 -13.71 3.63 -26.72
CA LEU B 271 -14.58 2.58 -26.16
C LEU B 271 -16.06 2.99 -26.26
N LYS B 272 -16.50 3.23 -27.50
CA LYS B 272 -17.89 3.60 -27.88
C LYS B 272 -18.16 5.10 -27.61
#